data_7A8U
#
_entry.id   7A8U
#
_cell.length_a   101.65
_cell.length_b   101.65
_cell.length_c   218.65
_cell.angle_alpha   90
_cell.angle_beta   90
_cell.angle_gamma   120
#
_symmetry.space_group_name_H-M   'P 31 2 1'
#
loop_
_entity.id
_entity.type
_entity.pdbx_description
1 polymer Alpha-actinin-2
2 polymer Myozenin-1
#
loop_
_entity_poly.entity_id
_entity_poly.type
_entity_poly.pdbx_seq_one_letter_code
_entity_poly.pdbx_strand_id
1 'polypeptide(L)'
;GSSAVNQENERLMEEYERLASELLEWIRRTIPWLENRTPEKTMQAMQKKLEDFRDYRRKHKPPKVQEKCQLEINFNTLQT
KLRISNRPAFMPSEGKMVSDIAGAWQRLEQAEKGYEEWLLNEIRRLERLEHLAEKFRQKASTHETWAYGKEQILLQKDYE
SASLTEVRALLRKHEAFESDLAAHQDRVEQIAAIAQELNELDYHDAVNVNDRCQKICDQWDRLGTLTQKRREALERMEKL
LETIDQLHLEFAKRAAPFNNWMEGAMEDLQDMFIVHSIEEIQSLITAHEQFKATLPEADGERQSIMAIQNEVEKVIQSYN
IRISSSNPYSTVTMDELRTKWDKVKQLVPIRDQSLQEELARQHANERLRRQFAAQANAIGPWIQNKMEEIARSSIQITGA
LEDQMNQLKQYEHNIINYKNNIDKLEGDHQLIQEALVFDNKHTNYTMEHIRVGWELLLTTIARTINEVETQILTRD
;
A
2 'polypeptide(L)'
;GPTVGGQLGTAGQGFSYSKSNGRGGSQAGGSGSAGQYGSDQQHHLGSGSGAGGTGGPAGQAGRGGAAGTAGVGETGSGDQ
AGGEGKHITVFKTYISPWERAMGVDPQQKMELGIDLLAYGAKAELPKYKSFNRTAMPYGGYEKASKRMTFQMPKFDLGPL
LSEPLVLYNQNLSNRPSFNRTPIPWLSSGEPVDYNVDIGIPLDGETEEL
;
B
#
# COMPACT_ATOMS: atom_id res chain seq x y z
N SER A 3 -56.26 -83.50 -75.27
CA SER A 3 -55.69 -82.18 -75.03
C SER A 3 -56.39 -81.45 -73.86
N ALA A 4 -57.01 -82.20 -72.92
CA ALA A 4 -57.68 -81.61 -71.75
C ALA A 4 -56.66 -81.21 -70.68
N VAL A 5 -55.57 -81.98 -70.56
CA VAL A 5 -54.47 -81.73 -69.62
C VAL A 5 -53.46 -80.73 -70.24
N ASN A 6 -53.39 -80.65 -71.59
CA ASN A 6 -52.52 -79.75 -72.36
C ASN A 6 -52.87 -78.26 -72.10
N GLN A 7 -54.14 -77.96 -71.77
CA GLN A 7 -54.55 -76.59 -71.46
C GLN A 7 -54.32 -76.25 -69.96
N GLU A 8 -54.24 -77.27 -69.08
CA GLU A 8 -53.99 -77.11 -67.64
C GLU A 8 -52.55 -76.65 -67.39
N ASN A 9 -51.60 -77.16 -68.17
CA ASN A 9 -50.20 -76.77 -68.04
C ASN A 9 -49.94 -75.34 -68.54
N GLU A 10 -50.72 -74.86 -69.51
CA GLU A 10 -50.58 -73.49 -70.04
C GLU A 10 -50.99 -72.46 -68.96
N ARG A 11 -52.01 -72.78 -68.17
CA ARG A 11 -52.48 -71.90 -67.09
C ARG A 11 -51.64 -72.03 -65.79
N LEU A 12 -50.71 -73.00 -65.73
CA LEU A 12 -49.83 -73.19 -64.59
C LEU A 12 -48.41 -72.69 -64.89
N MET A 13 -47.99 -72.70 -66.17
CA MET A 13 -46.67 -72.19 -66.54
C MET A 13 -46.69 -70.66 -66.59
N GLU A 14 -47.82 -70.05 -67.00
CA GLU A 14 -47.94 -68.58 -66.98
C GLU A 14 -48.05 -68.06 -65.52
N GLU A 15 -48.41 -68.93 -64.56
CA GLU A 15 -48.48 -68.60 -63.14
C GLU A 15 -47.10 -68.35 -62.59
N TYR A 16 -46.12 -69.18 -62.94
CA TYR A 16 -44.73 -69.03 -62.51
C TYR A 16 -44.12 -67.77 -63.15
N GLU A 17 -44.48 -67.46 -64.41
CA GLU A 17 -44.00 -66.29 -65.16
C GLU A 17 -44.53 -64.98 -64.59
N ARG A 18 -45.78 -64.99 -64.12
CA ARG A 18 -46.44 -63.82 -63.55
C ARG A 18 -46.03 -63.64 -62.08
N LEU A 19 -45.89 -64.74 -61.34
CA LEU A 19 -45.48 -64.70 -59.94
C LEU A 19 -43.99 -64.35 -59.81
N ALA A 20 -43.16 -64.67 -60.83
CA ALA A 20 -41.74 -64.32 -60.81
C ALA A 20 -41.56 -62.82 -60.98
N SER A 21 -42.37 -62.20 -61.86
CA SER A 21 -42.31 -60.75 -62.08
C SER A 21 -42.91 -59.99 -60.89
N GLU A 22 -43.83 -60.61 -60.13
CA GLU A 22 -44.45 -60.04 -58.93
C GLU A 22 -43.42 -59.81 -57.83
N LEU A 23 -42.51 -60.77 -57.64
CA LEU A 23 -41.48 -60.64 -56.61
C LEU A 23 -40.19 -60.04 -57.20
N LEU A 24 -39.97 -60.10 -58.54
CA LEU A 24 -38.78 -59.48 -59.11
C LEU A 24 -38.98 -57.97 -59.23
N GLU A 25 -40.22 -57.49 -59.48
CA GLU A 25 -40.48 -56.04 -59.48
C GLU A 25 -40.37 -55.47 -58.04
N TRP A 26 -40.61 -56.31 -57.02
CA TRP A 26 -40.45 -55.92 -55.63
C TRP A 26 -38.96 -55.93 -55.28
N ILE A 27 -38.23 -56.97 -55.70
CA ILE A 27 -36.82 -57.12 -55.40
C ILE A 27 -36.00 -56.00 -56.11
N ARG A 28 -36.44 -55.53 -57.29
CA ARG A 28 -35.73 -54.47 -58.01
C ARG A 28 -36.12 -53.07 -57.49
N ARG A 29 -37.25 -52.93 -56.78
CA ARG A 29 -37.64 -51.64 -56.23
C ARG A 29 -37.06 -51.44 -54.79
N THR A 30 -36.75 -52.53 -54.07
CA THR A 30 -36.20 -52.45 -52.71
C THR A 30 -34.68 -52.50 -52.68
N ILE A 31 -34.02 -52.98 -53.74
CA ILE A 31 -32.56 -53.06 -53.79
C ILE A 31 -31.92 -51.64 -53.73
N PRO A 32 -32.38 -50.62 -54.50
CA PRO A 32 -31.78 -49.28 -54.37
C PRO A 32 -32.04 -48.66 -53.00
N TRP A 33 -33.16 -49.02 -52.36
CA TRP A 33 -33.53 -48.54 -51.02
C TRP A 33 -32.63 -49.19 -49.96
N LEU A 34 -32.34 -50.48 -50.12
CA LEU A 34 -31.50 -51.25 -49.20
C LEU A 34 -30.03 -50.81 -49.31
N GLU A 35 -29.60 -50.39 -50.51
CA GLU A 35 -28.23 -49.88 -50.73
C GLU A 35 -28.17 -48.35 -50.57
N ASN A 36 -29.04 -47.79 -49.71
CA ASN A 36 -29.10 -46.37 -49.46
C ASN A 36 -27.88 -45.95 -48.65
N ARG A 37 -27.85 -46.27 -47.34
CA ARG A 37 -26.78 -45.97 -46.39
C ARG A 37 -26.41 -44.47 -46.32
N THR A 38 -27.31 -43.58 -46.77
CA THR A 38 -27.08 -42.13 -46.67
C THR A 38 -27.77 -41.64 -45.42
N PRO A 39 -26.99 -41.21 -44.42
CA PRO A 39 -27.59 -40.79 -43.14
C PRO A 39 -28.35 -39.47 -43.20
N GLU A 40 -29.29 -39.31 -42.27
CA GLU A 40 -30.11 -38.11 -42.15
C GLU A 40 -29.52 -37.19 -41.06
N LYS A 41 -29.93 -35.92 -41.04
CA LYS A 41 -29.40 -34.97 -40.07
C LYS A 41 -29.98 -35.19 -38.66
N THR A 42 -31.31 -35.19 -38.48
CA THR A 42 -31.91 -35.38 -37.17
C THR A 42 -31.90 -36.84 -36.74
N MET A 43 -31.98 -37.10 -35.42
CA MET A 43 -32.03 -38.47 -34.92
C MET A 43 -33.41 -39.08 -35.12
N GLN A 44 -34.47 -38.26 -35.00
CA GLN A 44 -35.86 -38.64 -35.20
C GLN A 44 -36.11 -39.21 -36.60
N ALA A 45 -35.35 -38.71 -37.60
CA ALA A 45 -35.44 -39.18 -38.99
C ALA A 45 -34.89 -40.60 -39.12
N MET A 46 -33.83 -40.91 -38.37
CA MET A 46 -33.24 -42.24 -38.38
C MET A 46 -34.07 -43.20 -37.50
N GLN A 47 -34.80 -42.67 -36.49
CA GLN A 47 -35.71 -43.46 -35.67
C GLN A 47 -36.85 -44.01 -36.53
N LYS A 48 -37.37 -43.17 -37.46
CA LYS A 48 -38.43 -43.57 -38.40
C LYS A 48 -37.85 -44.52 -39.42
N LYS A 49 -36.65 -44.24 -39.94
CA LYS A 49 -35.96 -45.08 -40.94
C LYS A 49 -35.69 -46.51 -40.42
N LEU A 50 -35.63 -46.68 -39.08
CA LEU A 50 -35.46 -47.99 -38.45
C LEU A 50 -36.81 -48.72 -38.36
N GLU A 51 -37.91 -47.98 -38.18
CA GLU A 51 -39.25 -48.57 -38.22
C GLU A 51 -39.62 -48.94 -39.66
N ASP A 52 -39.13 -48.17 -40.66
CA ASP A 52 -39.30 -48.45 -42.07
C ASP A 52 -38.62 -49.77 -42.42
N PHE A 53 -37.42 -50.00 -41.86
CA PHE A 53 -36.74 -51.27 -42.05
C PHE A 53 -37.45 -52.36 -41.23
N ARG A 54 -37.96 -52.03 -40.03
CA ARG A 54 -38.66 -53.01 -39.21
C ARG A 54 -39.92 -53.52 -39.89
N ASP A 55 -40.74 -52.64 -40.49
CA ASP A 55 -41.94 -53.08 -41.20
C ASP A 55 -41.58 -53.95 -42.40
N TYR A 56 -40.44 -53.71 -43.04
CA TYR A 56 -39.96 -54.52 -44.14
C TYR A 56 -39.56 -55.91 -43.60
N ARG A 57 -38.88 -55.95 -42.45
CA ARG A 57 -38.40 -57.20 -41.89
C ARG A 57 -39.46 -58.07 -41.25
N ARG A 58 -40.51 -57.49 -40.64
CA ARG A 58 -41.54 -58.30 -40.00
C ARG A 58 -42.84 -58.38 -40.81
N LYS A 59 -42.97 -57.62 -41.92
CA LYS A 59 -44.21 -57.65 -42.70
C LYS A 59 -44.05 -57.94 -44.21
N HIS A 60 -42.97 -57.45 -44.85
CA HIS A 60 -42.83 -57.59 -46.31
C HIS A 60 -41.81 -58.63 -46.75
N LYS A 61 -40.84 -58.96 -45.88
CA LYS A 61 -39.87 -60.02 -46.15
C LYS A 61 -40.49 -61.39 -45.81
N PRO A 62 -41.18 -61.59 -44.63
CA PRO A 62 -41.81 -62.91 -44.37
C PRO A 62 -42.65 -63.46 -45.53
N PRO A 63 -43.51 -62.70 -46.26
CA PRO A 63 -44.25 -63.30 -47.38
C PRO A 63 -43.35 -63.68 -48.55
N LYS A 64 -42.33 -62.84 -48.85
CA LYS A 64 -41.42 -63.05 -49.97
C LYS A 64 -40.43 -64.19 -49.75
N VAL A 65 -40.13 -64.51 -48.49
CA VAL A 65 -39.27 -65.65 -48.14
C VAL A 65 -39.98 -66.93 -48.54
N GLN A 66 -41.27 -67.04 -48.17
CA GLN A 66 -42.14 -68.16 -48.49
C GLN A 66 -42.43 -68.18 -50.00
N GLU A 67 -42.59 -67.00 -50.63
CA GLU A 67 -42.84 -66.85 -52.05
C GLU A 67 -41.59 -67.20 -52.90
N LYS A 68 -40.38 -67.23 -52.30
CA LYS A 68 -39.16 -67.62 -53.00
C LYS A 68 -39.18 -69.15 -53.22
N CYS A 69 -39.30 -69.92 -52.13
CA CYS A 69 -39.34 -71.38 -52.21
C CYS A 69 -40.69 -71.88 -52.76
N GLN A 70 -41.75 -71.05 -52.74
CA GLN A 70 -43.05 -71.46 -53.26
C GLN A 70 -42.98 -71.57 -54.79
N LEU A 71 -42.25 -70.66 -55.45
CA LEU A 71 -42.04 -70.75 -56.90
C LEU A 71 -41.12 -71.93 -57.26
N GLU A 72 -40.17 -72.25 -56.36
CA GLU A 72 -39.27 -73.39 -56.47
C GLU A 72 -40.07 -74.70 -56.29
N ILE A 73 -41.10 -74.69 -55.42
CA ILE A 73 -42.01 -75.81 -55.15
C ILE A 73 -42.80 -76.11 -56.42
N ASN A 74 -43.32 -75.06 -57.06
CA ASN A 74 -44.10 -75.18 -58.29
C ASN A 74 -43.25 -75.66 -59.47
N PHE A 75 -41.96 -75.28 -59.50
CA PHE A 75 -41.01 -75.69 -60.55
C PHE A 75 -40.59 -77.15 -60.36
N ASN A 76 -40.29 -77.56 -59.11
CA ASN A 76 -39.87 -78.94 -58.84
C ASN A 76 -41.07 -79.92 -58.81
N THR A 77 -42.24 -79.52 -59.33
CA THR A 77 -43.42 -80.36 -59.50
C THR A 77 -43.86 -80.28 -60.97
N LEU A 78 -43.86 -79.07 -61.55
CA LEU A 78 -44.21 -78.82 -62.94
C LEU A 78 -43.22 -79.53 -63.88
N GLN A 79 -41.92 -79.58 -63.51
CA GLN A 79 -40.94 -80.26 -64.36
C GLN A 79 -40.97 -81.80 -64.17
N THR A 80 -41.68 -82.31 -63.14
CA THR A 80 -41.92 -83.73 -62.95
C THR A 80 -43.20 -84.14 -63.72
N LYS A 81 -44.16 -83.20 -63.91
CA LYS A 81 -45.38 -83.41 -64.69
C LYS A 81 -44.99 -83.52 -66.18
N LEU A 82 -44.11 -82.62 -66.69
CA LEU A 82 -43.68 -82.73 -68.10
C LEU A 82 -42.60 -83.82 -68.31
N ARG A 83 -42.42 -84.72 -67.32
CA ARG A 83 -41.50 -85.85 -67.38
C ARG A 83 -42.28 -87.18 -67.33
N ILE A 84 -43.44 -87.20 -66.64
CA ILE A 84 -44.31 -88.36 -66.57
C ILE A 84 -45.02 -88.51 -67.92
N SER A 85 -45.68 -87.44 -68.40
CA SER A 85 -46.32 -87.47 -69.72
C SER A 85 -45.40 -86.85 -70.81
N ASN A 86 -44.06 -86.90 -70.58
CA ASN A 86 -42.95 -86.38 -71.40
C ASN A 86 -43.35 -85.27 -72.36
N ARG A 87 -43.57 -84.08 -71.81
CA ARG A 87 -43.92 -82.87 -72.53
C ARG A 87 -42.71 -81.94 -72.63
N PRO A 88 -42.68 -81.00 -73.61
CA PRO A 88 -41.52 -80.10 -73.71
C PRO A 88 -41.26 -79.32 -72.42
N ALA A 89 -39.99 -79.25 -71.99
CA ALA A 89 -39.59 -78.58 -70.76
C ALA A 89 -39.87 -77.08 -70.80
N PHE A 90 -40.15 -76.49 -69.64
CA PHE A 90 -40.45 -75.06 -69.59
C PHE A 90 -39.20 -74.21 -69.44
N MET A 91 -39.10 -73.17 -70.27
CA MET A 91 -38.02 -72.19 -70.24
C MET A 91 -38.64 -70.81 -70.04
N PRO A 92 -38.32 -70.14 -68.93
CA PRO A 92 -38.94 -68.83 -68.66
C PRO A 92 -38.42 -67.71 -69.57
N SER A 93 -39.30 -66.75 -69.88
CA SER A 93 -39.06 -65.61 -70.76
C SER A 93 -38.07 -64.59 -70.20
N GLU A 94 -37.23 -64.04 -71.11
CA GLU A 94 -36.19 -63.02 -70.89
C GLU A 94 -35.16 -63.49 -69.82
N GLY A 95 -35.48 -63.37 -68.55
CA GLY A 95 -34.60 -63.76 -67.46
C GLY A 95 -35.36 -64.05 -66.19
N LYS A 96 -36.53 -64.68 -66.31
CA LYS A 96 -37.34 -65.02 -65.14
C LYS A 96 -37.10 -66.50 -64.72
N MET A 97 -35.87 -66.99 -64.91
CA MET A 97 -35.46 -68.38 -64.65
C MET A 97 -35.09 -68.64 -63.17
N VAL A 98 -34.93 -69.93 -62.80
CA VAL A 98 -34.56 -70.34 -61.44
C VAL A 98 -33.14 -69.86 -61.14
N SER A 99 -32.21 -70.03 -62.09
CA SER A 99 -30.83 -69.58 -61.90
C SER A 99 -30.75 -68.05 -61.77
N ASP A 100 -31.64 -67.34 -62.45
CA ASP A 100 -31.69 -65.89 -62.46
C ASP A 100 -32.31 -65.31 -61.18
N ILE A 101 -33.40 -65.90 -60.67
CA ILE A 101 -34.07 -65.38 -59.48
C ILE A 101 -33.19 -65.60 -58.23
N ALA A 102 -32.42 -66.70 -58.19
CA ALA A 102 -31.51 -66.96 -57.07
C ALA A 102 -30.45 -65.86 -56.94
N GLY A 103 -30.01 -65.32 -58.07
CA GLY A 103 -29.02 -64.25 -58.11
C GLY A 103 -29.57 -62.90 -57.66
N ALA A 104 -30.88 -62.69 -57.82
CA ALA A 104 -31.52 -61.45 -57.37
C ALA A 104 -31.64 -61.44 -55.86
N TRP A 105 -32.01 -62.58 -55.27
CA TRP A 105 -32.11 -62.74 -53.82
C TRP A 105 -30.71 -62.84 -53.20
N GLN A 106 -29.69 -63.32 -53.95
CA GLN A 106 -28.30 -63.39 -53.48
C GLN A 106 -27.71 -61.97 -53.38
N ARG A 107 -28.13 -61.05 -54.28
CA ARG A 107 -27.67 -59.66 -54.26
C ARG A 107 -28.51 -58.84 -53.27
N LEU A 108 -29.80 -59.18 -53.08
CA LEU A 108 -30.67 -58.50 -52.12
C LEU A 108 -30.21 -58.83 -50.71
N GLU A 109 -29.92 -60.11 -50.42
CA GLU A 109 -29.41 -60.50 -49.10
C GLU A 109 -27.95 -60.01 -48.89
N GLN A 110 -27.23 -59.67 -49.97
CA GLN A 110 -25.88 -59.09 -49.95
C GLN A 110 -25.93 -57.57 -49.72
N ALA A 111 -27.06 -56.91 -50.09
CA ALA A 111 -27.25 -55.49 -49.90
C ALA A 111 -27.56 -55.17 -48.42
N GLU A 112 -28.36 -56.02 -47.76
CA GLU A 112 -28.75 -55.82 -46.35
C GLU A 112 -27.76 -56.47 -45.37
N LYS A 113 -26.51 -56.75 -45.78
CA LYS A 113 -25.52 -57.37 -44.90
C LYS A 113 -24.94 -56.39 -43.86
N GLY A 114 -25.75 -55.42 -43.45
CA GLY A 114 -25.35 -54.42 -42.46
C GLY A 114 -26.27 -53.22 -42.44
N TYR A 115 -27.53 -53.35 -42.92
CA TYR A 115 -28.46 -52.22 -42.92
C TYR A 115 -28.98 -51.98 -41.50
N GLU A 116 -29.26 -53.06 -40.74
CA GLU A 116 -29.71 -52.89 -39.36
C GLU A 116 -28.55 -52.37 -38.52
N GLU A 117 -27.33 -52.90 -38.74
CA GLU A 117 -26.13 -52.50 -38.01
C GLU A 117 -25.64 -51.08 -38.37
N TRP A 118 -26.05 -50.56 -39.53
CA TRP A 118 -25.66 -49.20 -39.92
C TRP A 118 -26.59 -48.21 -39.23
N LEU A 119 -27.90 -48.47 -39.25
CA LEU A 119 -28.88 -47.60 -38.60
C LEU A 119 -28.67 -47.54 -37.08
N LEU A 120 -28.38 -48.68 -36.43
CA LEU A 120 -28.14 -48.76 -35.01
C LEU A 120 -26.94 -47.93 -34.57
N ASN A 121 -25.77 -48.10 -35.21
CA ASN A 121 -24.58 -47.33 -34.85
C ASN A 121 -24.57 -45.90 -35.44
N GLU A 122 -25.58 -45.53 -36.23
CA GLU A 122 -25.74 -44.16 -36.69
C GLU A 122 -26.60 -43.43 -35.68
N ILE A 123 -27.66 -44.10 -35.14
CA ILE A 123 -28.51 -43.52 -34.09
C ILE A 123 -27.75 -43.58 -32.72
N ARG A 124 -26.79 -44.53 -32.56
CA ARG A 124 -25.93 -44.63 -31.38
C ARG A 124 -25.01 -43.40 -31.29
N ARG A 125 -24.49 -42.98 -32.45
CA ARG A 125 -23.63 -41.81 -32.58
C ARG A 125 -24.52 -40.57 -32.49
N LEU A 126 -25.64 -40.55 -33.22
CA LEU A 126 -26.59 -39.44 -33.22
C LEU A 126 -27.08 -39.09 -31.80
N GLU A 127 -27.34 -40.11 -30.97
CA GLU A 127 -27.83 -39.92 -29.61
C GLU A 127 -26.86 -39.12 -28.75
N ARG A 128 -25.55 -39.42 -28.91
CA ARG A 128 -24.53 -38.69 -28.15
C ARG A 128 -24.38 -37.28 -28.69
N LEU A 129 -24.47 -37.10 -30.02
CA LEU A 129 -24.37 -35.78 -30.64
C LEU A 129 -25.51 -34.84 -30.19
N GLU A 130 -26.74 -35.37 -30.03
CA GLU A 130 -27.91 -34.59 -29.63
C GLU A 130 -27.85 -34.13 -28.16
N HIS A 131 -27.25 -34.93 -27.28
CA HIS A 131 -27.10 -34.57 -25.87
C HIS A 131 -25.93 -33.59 -25.71
N LEU A 132 -24.78 -33.90 -26.35
CA LEU A 132 -23.58 -33.07 -26.28
C LEU A 132 -23.84 -31.70 -26.90
N ALA A 133 -24.68 -31.61 -27.94
CA ALA A 133 -24.99 -30.32 -28.56
C ALA A 133 -25.68 -29.38 -27.54
N GLU A 134 -26.68 -29.89 -26.78
CA GLU A 134 -27.42 -29.08 -25.82
C GLU A 134 -26.60 -28.83 -24.54
N LYS A 135 -25.70 -29.77 -24.17
CA LYS A 135 -24.83 -29.55 -23.00
C LYS A 135 -23.76 -28.51 -23.33
N PHE A 136 -23.30 -28.43 -24.60
CA PHE A 136 -22.36 -27.41 -25.01
C PHE A 136 -23.04 -26.07 -24.96
N ARG A 137 -24.24 -25.92 -25.56
CA ARG A 137 -24.95 -24.65 -25.53
C ARG A 137 -25.24 -24.19 -24.10
N GLN A 138 -25.52 -25.14 -23.18
CA GLN A 138 -25.78 -24.87 -21.76
C GLN A 138 -24.53 -24.31 -21.06
N LYS A 139 -23.39 -25.01 -21.20
CA LYS A 139 -22.14 -24.66 -20.56
C LYS A 139 -21.49 -23.42 -21.16
N ALA A 140 -21.52 -23.26 -22.50
CA ALA A 140 -20.89 -22.10 -23.13
C ALA A 140 -21.67 -20.81 -22.95
N SER A 141 -22.93 -20.86 -22.49
CA SER A 141 -23.71 -19.64 -22.28
C SER A 141 -23.60 -19.19 -20.84
N THR A 142 -23.58 -20.12 -19.88
CA THR A 142 -23.42 -19.83 -18.45
C THR A 142 -22.01 -19.28 -18.13
N HIS A 143 -21.03 -19.66 -18.94
CA HIS A 143 -19.67 -19.16 -18.78
C HIS A 143 -19.41 -17.94 -19.72
N GLU A 144 -20.20 -17.79 -20.79
CA GLU A 144 -20.14 -16.65 -21.70
C GLU A 144 -20.57 -15.43 -20.90
N THR A 145 -21.77 -15.53 -20.28
CA THR A 145 -22.43 -14.52 -19.45
C THR A 145 -21.66 -14.20 -18.20
N TRP A 146 -20.94 -15.18 -17.63
CA TRP A 146 -20.13 -14.95 -16.45
C TRP A 146 -19.06 -13.90 -16.76
N ALA A 147 -18.36 -14.07 -17.89
CA ALA A 147 -17.29 -13.18 -18.27
C ALA A 147 -17.75 -11.93 -19.01
N TYR A 148 -19.05 -11.60 -19.03
CA TYR A 148 -19.47 -10.34 -19.66
C TYR A 148 -19.04 -9.21 -18.75
N GLY A 149 -18.16 -8.38 -19.28
CA GLY A 149 -17.61 -7.26 -18.54
C GLY A 149 -16.39 -7.58 -17.71
N LYS A 150 -16.07 -8.87 -17.53
CA LYS A 150 -14.93 -9.29 -16.71
C LYS A 150 -13.62 -8.69 -17.24
N GLU A 151 -13.45 -8.60 -18.57
CA GLU A 151 -12.25 -8.01 -19.13
C GLU A 151 -12.17 -6.51 -18.87
N GLN A 152 -13.27 -5.78 -19.05
CA GLN A 152 -13.29 -4.32 -18.87
C GLN A 152 -13.04 -3.92 -17.42
N ILE A 153 -13.57 -4.69 -16.47
CA ILE A 153 -13.39 -4.43 -15.04
C ILE A 153 -11.94 -4.68 -14.63
N LEU A 154 -11.31 -5.71 -15.22
CA LEU A 154 -9.91 -6.02 -14.98
C LEU A 154 -8.98 -4.89 -15.49
N LEU A 155 -9.43 -4.11 -16.49
CA LEU A 155 -8.69 -3.00 -17.08
C LEU A 155 -8.73 -1.72 -16.27
N GLN A 156 -9.74 -1.56 -15.39
CA GLN A 156 -9.95 -0.37 -14.56
C GLN A 156 -8.66 0.09 -13.87
N LYS A 157 -8.35 1.38 -14.02
CA LYS A 157 -7.15 2.00 -13.44
C LYS A 157 -7.56 2.94 -12.30
N ASP A 158 -8.47 2.48 -11.44
CA ASP A 158 -9.00 3.29 -10.34
C ASP A 158 -7.97 3.55 -9.22
N TYR A 159 -7.12 2.55 -8.95
CA TYR A 159 -6.12 2.54 -7.90
C TYR A 159 -5.03 3.60 -8.03
N GLU A 160 -4.94 4.30 -9.17
CA GLU A 160 -3.92 5.32 -9.39
C GLU A 160 -4.01 6.49 -8.40
N SER A 161 -5.19 6.72 -7.81
CA SER A 161 -5.37 7.79 -6.83
C SER A 161 -5.90 7.26 -5.48
N ALA A 162 -5.67 5.97 -5.18
CA ALA A 162 -6.16 5.36 -3.96
C ALA A 162 -5.11 5.40 -2.85
N SER A 163 -5.57 5.35 -1.59
CA SER A 163 -4.72 5.33 -0.40
C SER A 163 -4.37 3.89 0.02
N LEU A 164 -3.39 3.70 0.92
CA LEU A 164 -3.00 2.38 1.42
C LEU A 164 -4.20 1.61 1.99
N THR A 165 -5.22 2.30 2.49
CA THR A 165 -6.42 1.65 3.01
C THR A 165 -7.24 1.08 1.84
N GLU A 166 -7.53 1.92 0.84
CA GLU A 166 -8.33 1.57 -0.33
C GLU A 166 -7.63 0.53 -1.20
N VAL A 167 -6.27 0.53 -1.24
CA VAL A 167 -5.46 -0.39 -2.06
C VAL A 167 -5.42 -1.78 -1.42
N ARG A 168 -5.28 -1.85 -0.09
CA ARG A 168 -5.31 -3.14 0.60
C ARG A 168 -6.71 -3.75 0.47
N ALA A 169 -7.75 -2.91 0.67
CA ALA A 169 -9.16 -3.32 0.53
C ALA A 169 -9.43 -3.79 -0.88
N LEU A 170 -8.86 -3.12 -1.88
CA LEU A 170 -8.98 -3.49 -3.29
C LEU A 170 -8.31 -4.84 -3.56
N LEU A 171 -7.14 -5.04 -2.94
CA LEU A 171 -6.37 -6.26 -3.05
C LEU A 171 -7.16 -7.43 -2.46
N ARG A 172 -7.86 -7.24 -1.34
CA ARG A 172 -8.66 -8.32 -0.74
C ARG A 172 -9.87 -8.67 -1.63
N LYS A 173 -10.42 -7.68 -2.36
CA LYS A 173 -11.51 -7.90 -3.29
C LYS A 173 -11.02 -8.68 -4.52
N HIS A 174 -9.81 -8.33 -4.99
CA HIS A 174 -9.13 -8.95 -6.12
C HIS A 174 -8.72 -10.39 -5.77
N GLU A 175 -8.34 -10.65 -4.49
CA GLU A 175 -8.00 -11.97 -3.95
C GLU A 175 -9.16 -12.92 -4.11
N ALA A 176 -10.38 -12.43 -3.83
CA ALA A 176 -11.65 -13.16 -3.89
C ALA A 176 -12.03 -13.50 -5.33
N PHE A 177 -11.77 -12.58 -6.26
CA PHE A 177 -12.03 -12.82 -7.66
C PHE A 177 -11.08 -13.94 -8.18
N GLU A 178 -9.85 -14.02 -7.65
CA GLU A 178 -8.91 -15.06 -8.05
C GLU A 178 -9.43 -16.44 -7.67
N SER A 179 -10.08 -16.56 -6.51
CA SER A 179 -10.66 -17.84 -6.10
C SER A 179 -11.87 -18.18 -6.98
N ASP A 180 -12.67 -17.15 -7.36
CA ASP A 180 -13.82 -17.25 -8.26
C ASP A 180 -13.36 -17.71 -9.66
N LEU A 181 -12.20 -17.24 -10.10
CA LEU A 181 -11.63 -17.60 -11.38
C LEU A 181 -11.23 -19.06 -11.39
N ALA A 182 -10.52 -19.52 -10.33
CA ALA A 182 -10.02 -20.88 -10.17
C ALA A 182 -11.13 -21.94 -10.29
N ALA A 183 -12.31 -21.65 -9.75
CA ALA A 183 -13.47 -22.54 -9.77
C ALA A 183 -14.03 -22.78 -11.19
N HIS A 184 -13.68 -21.90 -12.15
CA HIS A 184 -14.13 -21.99 -13.54
C HIS A 184 -13.08 -22.57 -14.49
N GLN A 185 -11.93 -23.03 -13.98
CA GLN A 185 -10.92 -23.69 -14.80
C GLN A 185 -11.50 -25.03 -15.28
N ASP A 186 -12.16 -25.79 -14.39
CA ASP A 186 -12.80 -27.08 -14.71
C ASP A 186 -14.05 -26.91 -15.61
N ARG A 187 -14.58 -25.68 -15.73
CA ARG A 187 -15.73 -25.35 -16.56
C ARG A 187 -15.24 -25.21 -17.99
N VAL A 188 -14.16 -24.43 -18.21
CA VAL A 188 -13.61 -24.27 -19.57
C VAL A 188 -12.87 -25.55 -20.01
N GLU A 189 -12.32 -26.33 -19.06
CA GLU A 189 -11.69 -27.62 -19.37
C GLU A 189 -12.75 -28.58 -19.94
N GLN A 190 -13.94 -28.54 -19.35
CA GLN A 190 -15.08 -29.36 -19.75
C GLN A 190 -15.58 -28.93 -21.12
N ILE A 191 -15.73 -27.63 -21.35
CA ILE A 191 -16.21 -27.11 -22.62
C ILE A 191 -15.23 -27.40 -23.76
N ALA A 192 -13.93 -27.41 -23.46
CA ALA A 192 -12.92 -27.73 -24.48
C ALA A 192 -13.02 -29.22 -24.91
N ALA A 193 -13.36 -30.09 -23.95
CA ALA A 193 -13.52 -31.53 -24.18
C ALA A 193 -14.86 -31.84 -24.85
N ILE A 194 -15.90 -31.04 -24.59
CA ILE A 194 -17.20 -31.21 -25.25
C ILE A 194 -17.04 -30.80 -26.72
N ALA A 195 -16.29 -29.72 -27.00
CA ALA A 195 -16.04 -29.29 -28.38
C ALA A 195 -15.12 -30.27 -29.14
N GLN A 196 -14.29 -31.04 -28.42
CA GLN A 196 -13.42 -32.06 -29.00
C GLN A 196 -14.22 -33.33 -29.30
N GLU A 197 -15.14 -33.71 -28.39
CA GLU A 197 -16.00 -34.87 -28.61
C GLU A 197 -17.04 -34.57 -29.71
N LEU A 198 -17.49 -33.32 -29.83
CA LEU A 198 -18.39 -32.92 -30.91
C LEU A 198 -17.63 -32.76 -32.26
N ASN A 199 -16.29 -32.69 -32.22
CA ASN A 199 -15.42 -32.62 -33.38
C ASN A 199 -15.13 -34.02 -33.90
N GLU A 200 -14.89 -34.99 -32.98
CA GLU A 200 -14.64 -36.40 -33.29
C GLU A 200 -15.91 -37.05 -33.84
N LEU A 201 -17.07 -36.80 -33.19
CA LEU A 201 -18.34 -37.38 -33.62
C LEU A 201 -18.96 -36.69 -34.86
N ASP A 202 -18.36 -35.58 -35.34
CA ASP A 202 -18.76 -34.82 -36.53
C ASP A 202 -20.18 -34.23 -36.45
N TYR A 203 -20.34 -33.21 -35.63
CA TYR A 203 -21.57 -32.43 -35.49
C TYR A 203 -21.73 -31.63 -36.82
N HIS A 204 -22.96 -31.47 -37.32
CA HIS A 204 -23.17 -30.73 -38.57
C HIS A 204 -22.73 -29.25 -38.47
N ASP A 205 -22.84 -28.66 -37.26
CA ASP A 205 -22.49 -27.27 -37.01
C ASP A 205 -21.22 -27.17 -36.13
N ALA A 206 -20.27 -28.09 -36.34
CA ALA A 206 -19.00 -28.02 -35.61
C ALA A 206 -18.11 -26.86 -36.12
N VAL A 207 -18.52 -26.17 -37.21
CA VAL A 207 -17.86 -25.01 -37.81
C VAL A 207 -17.93 -23.83 -36.84
N ASN A 208 -19.12 -23.61 -36.28
CA ASN A 208 -19.42 -22.55 -35.33
C ASN A 208 -19.05 -22.93 -33.88
N VAL A 209 -18.93 -24.23 -33.57
CA VAL A 209 -18.54 -24.68 -32.24
C VAL A 209 -17.04 -24.50 -32.09
N ASN A 210 -16.26 -24.83 -33.14
CA ASN A 210 -14.80 -24.63 -33.11
C ASN A 210 -14.45 -23.17 -32.88
N ASP A 211 -15.26 -22.25 -33.45
CA ASP A 211 -15.06 -20.82 -33.27
C ASP A 211 -15.60 -20.37 -31.92
N ARG A 212 -16.87 -20.73 -31.58
CA ARG A 212 -17.49 -20.31 -30.32
C ARG A 212 -16.71 -20.85 -29.11
N CYS A 213 -15.97 -21.97 -29.25
CA CYS A 213 -15.18 -22.51 -28.16
C CYS A 213 -13.81 -21.86 -28.11
N GLN A 214 -13.19 -21.59 -29.28
CA GLN A 214 -11.89 -20.94 -29.28
C GLN A 214 -11.98 -19.49 -28.83
N LYS A 215 -13.13 -18.82 -29.05
CA LYS A 215 -13.32 -17.45 -28.58
C LYS A 215 -13.33 -17.40 -27.05
N ILE A 216 -13.99 -18.38 -26.44
CA ILE A 216 -14.14 -18.53 -24.99
C ILE A 216 -12.81 -18.93 -24.37
N CYS A 217 -12.08 -19.84 -25.03
CA CYS A 217 -10.78 -20.27 -24.54
C CYS A 217 -9.74 -19.15 -24.73
N ASP A 218 -9.89 -18.29 -25.76
CA ASP A 218 -8.96 -17.18 -25.99
C ASP A 218 -9.15 -16.11 -24.92
N GLN A 219 -10.40 -15.84 -24.52
CA GLN A 219 -10.71 -14.86 -23.48
C GLN A 219 -10.12 -15.31 -22.15
N TRP A 220 -10.16 -16.62 -21.88
CA TRP A 220 -9.63 -17.22 -20.67
C TRP A 220 -8.12 -16.93 -20.52
N ASP A 221 -7.37 -17.00 -21.64
CA ASP A 221 -5.94 -16.69 -21.70
C ASP A 221 -5.69 -15.22 -21.32
N ARG A 222 -6.59 -14.33 -21.77
CA ARG A 222 -6.56 -12.90 -21.48
C ARG A 222 -6.84 -12.65 -20.00
N LEU A 223 -7.77 -13.41 -19.41
CA LEU A 223 -8.13 -13.24 -18.02
C LEU A 223 -7.01 -13.68 -17.08
N GLY A 224 -6.31 -14.75 -17.45
CA GLY A 224 -5.19 -15.23 -16.65
C GLY A 224 -4.08 -14.21 -16.47
N THR A 225 -3.65 -13.60 -17.58
CA THR A 225 -2.59 -12.60 -17.57
C THR A 225 -3.08 -11.28 -16.96
N LEU A 226 -4.28 -10.82 -17.32
CA LEU A 226 -4.87 -9.57 -16.84
C LEU A 226 -5.01 -9.54 -15.32
N THR A 227 -5.35 -10.68 -14.73
CA THR A 227 -5.51 -10.82 -13.29
C THR A 227 -4.17 -10.73 -12.60
N GLN A 228 -3.10 -11.22 -13.23
CA GLN A 228 -1.77 -11.12 -12.65
C GLN A 228 -1.14 -9.74 -12.91
N LYS A 229 -1.57 -9.04 -13.97
CA LYS A 229 -1.09 -7.70 -14.30
C LYS A 229 -1.70 -6.65 -13.38
N ARG A 230 -2.99 -6.82 -13.00
CA ARG A 230 -3.64 -5.93 -12.05
C ARG A 230 -3.12 -6.21 -10.64
N ARG A 231 -2.81 -7.48 -10.32
CA ARG A 231 -2.20 -7.81 -9.04
C ARG A 231 -0.81 -7.21 -8.98
N GLU A 232 -0.06 -7.21 -10.09
CA GLU A 232 1.27 -6.61 -10.16
C GLU A 232 1.24 -5.10 -9.90
N ALA A 233 0.14 -4.42 -10.27
CA ALA A 233 -0.07 -2.99 -10.09
C ALA A 233 -0.58 -2.65 -8.70
N LEU A 234 -1.39 -3.53 -8.13
CA LEU A 234 -1.93 -3.34 -6.80
C LEU A 234 -0.85 -3.62 -5.77
N GLU A 235 -0.02 -4.65 -5.98
CA GLU A 235 1.09 -4.97 -5.06
C GLU A 235 2.20 -3.89 -5.10
N ARG A 236 2.34 -3.20 -6.25
CA ARG A 236 3.31 -2.13 -6.42
C ARG A 236 2.77 -0.89 -5.75
N MET A 237 1.49 -0.57 -5.93
CA MET A 237 0.88 0.60 -5.29
C MET A 237 0.85 0.44 -3.77
N GLU A 238 0.61 -0.81 -3.29
CA GLU A 238 0.59 -1.15 -1.87
C GLU A 238 1.98 -0.99 -1.28
N LYS A 239 3.03 -1.41 -2.01
CA LYS A 239 4.39 -1.28 -1.51
C LYS A 239 4.95 0.15 -1.67
N LEU A 240 4.30 1.04 -2.46
CA LEU A 240 4.75 2.41 -2.59
C LEU A 240 4.15 3.26 -1.48
N LEU A 241 2.85 3.09 -1.23
CA LEU A 241 2.19 3.78 -0.13
C LEU A 241 2.58 3.23 1.24
N GLU A 242 3.04 1.97 1.29
CA GLU A 242 3.51 1.37 2.53
C GLU A 242 4.82 2.00 2.91
N THR A 243 5.75 2.18 1.95
CA THR A 243 7.05 2.81 2.21
C THR A 243 6.95 4.34 2.40
N ILE A 244 5.86 4.96 1.96
CA ILE A 244 5.61 6.38 2.17
C ILE A 244 5.10 6.60 3.63
N ASP A 245 4.30 5.66 4.14
CA ASP A 245 3.79 5.70 5.50
C ASP A 245 4.89 5.44 6.51
N GLN A 246 5.85 4.57 6.19
CA GLN A 246 7.00 4.32 7.07
C GLN A 246 7.82 5.61 7.29
N LEU A 247 7.86 6.48 6.26
CA LEU A 247 8.57 7.77 6.24
C LEU A 247 7.74 8.88 6.88
N HIS A 248 6.40 8.80 6.79
CA HIS A 248 5.51 9.81 7.39
C HIS A 248 5.37 9.62 8.91
N LEU A 249 5.53 8.37 9.40
CA LEU A 249 5.51 8.05 10.81
C LEU A 249 6.85 8.39 11.45
N GLU A 250 7.94 8.01 10.77
CA GLU A 250 9.30 8.34 11.20
C GLU A 250 9.50 9.87 11.13
N PHE A 251 8.85 10.57 10.18
CA PHE A 251 8.93 12.02 10.12
C PHE A 251 8.31 12.64 11.39
N ALA A 252 7.03 12.32 11.67
CA ALA A 252 6.31 12.84 12.83
C ALA A 252 6.96 12.46 14.16
N LYS A 253 7.64 11.30 14.20
CA LYS A 253 8.33 10.77 15.37
C LYS A 253 9.42 11.73 15.88
N ARG A 254 10.20 12.30 14.95
CA ARG A 254 11.27 13.22 15.33
C ARG A 254 10.90 14.70 15.07
N ALA A 255 9.77 14.99 14.40
CA ALA A 255 9.36 16.38 14.16
C ALA A 255 8.88 17.08 15.44
N ALA A 256 8.01 16.43 16.25
CA ALA A 256 7.50 17.03 17.49
C ALA A 256 8.58 17.25 18.53
N PRO A 257 9.46 16.27 18.85
CA PRO A 257 10.52 16.55 19.85
C PRO A 257 11.40 17.74 19.46
N PHE A 258 11.66 17.89 18.15
CA PHE A 258 12.48 18.97 17.64
C PHE A 258 11.72 20.29 17.64
N ASN A 259 10.43 20.28 17.29
CA ASN A 259 9.61 21.49 17.31
C ASN A 259 9.44 21.98 18.74
N ASN A 260 9.34 21.06 19.72
CA ASN A 260 9.20 21.40 21.14
C ASN A 260 10.51 21.99 21.68
N TRP A 261 11.64 21.45 21.23
CA TRP A 261 12.95 21.95 21.61
C TRP A 261 13.15 23.33 21.01
N MET A 262 12.79 23.52 19.73
CA MET A 262 12.97 24.80 19.06
C MET A 262 12.07 25.88 19.66
N GLU A 263 10.76 25.58 19.84
CA GLU A 263 9.80 26.52 20.43
C GLU A 263 10.16 26.86 21.90
N GLY A 264 10.76 25.90 22.60
CA GLY A 264 11.21 26.10 23.96
C GLY A 264 12.47 26.93 24.05
N ALA A 265 13.41 26.71 23.12
CA ALA A 265 14.65 27.47 23.10
C ALA A 265 14.43 28.94 22.74
N MET A 266 13.33 29.28 22.03
CA MET A 266 13.06 30.66 21.67
C MET A 266 12.69 31.51 22.89
N GLU A 267 12.02 30.92 23.88
CA GLU A 267 11.67 31.65 25.10
C GLU A 267 12.90 31.88 25.95
N ASP A 268 13.75 30.86 26.06
CA ASP A 268 14.97 30.89 26.86
C ASP A 268 16.05 31.80 26.27
N LEU A 269 16.01 32.04 24.96
CA LEU A 269 16.97 32.96 24.32
C LEU A 269 16.61 34.44 24.56
N GLN A 270 15.38 34.72 24.98
CA GLN A 270 14.91 36.08 25.21
C GLN A 270 14.66 36.39 26.71
N ASP A 271 14.47 35.34 27.54
CA ASP A 271 14.23 35.37 28.98
C ASP A 271 15.08 36.43 29.70
N MET A 272 14.43 37.41 30.31
CA MET A 272 15.15 38.46 31.03
C MET A 272 15.69 37.96 32.37
N PHE A 273 16.71 38.65 32.87
CA PHE A 273 17.43 38.26 34.08
C PHE A 273 18.08 39.45 34.77
N ILE A 274 18.40 39.30 36.08
CA ILE A 274 19.14 40.33 36.79
C ILE A 274 20.00 39.68 37.87
N VAL A 275 21.32 39.86 37.71
CA VAL A 275 22.36 39.31 38.55
C VAL A 275 23.20 40.43 39.19
N HIS A 276 23.49 40.27 40.47
CA HIS A 276 24.29 41.24 41.20
C HIS A 276 25.66 40.70 41.61
N SER A 277 25.99 39.45 41.22
CA SER A 277 27.28 38.86 41.49
C SER A 277 28.00 38.60 40.18
N ILE A 278 29.32 38.69 40.22
CA ILE A 278 30.17 38.40 39.06
C ILE A 278 30.15 36.85 38.76
N GLU A 279 29.80 36.03 39.77
CA GLU A 279 29.63 34.59 39.62
C GLU A 279 28.21 34.32 39.08
N GLU A 280 27.20 35.13 39.49
CA GLU A 280 25.82 35.05 39.07
C GLU A 280 25.71 35.18 37.56
N ILE A 281 26.43 36.14 36.96
CA ILE A 281 26.43 36.32 35.50
C ILE A 281 27.26 35.22 34.85
N GLN A 282 28.41 34.87 35.44
CA GLN A 282 29.30 33.83 34.93
C GLN A 282 28.55 32.48 34.77
N SER A 283 27.76 32.10 35.77
CA SER A 283 27.01 30.84 35.73
C SER A 283 25.99 30.81 34.57
N LEU A 284 25.48 31.98 34.15
CA LEU A 284 24.56 32.05 33.03
C LEU A 284 25.29 31.81 31.72
N ILE A 285 26.48 32.39 31.59
CA ILE A 285 27.35 32.21 30.42
C ILE A 285 27.83 30.76 30.32
N THR A 286 28.04 30.11 31.48
CA THR A 286 28.44 28.72 31.59
C THR A 286 27.36 27.85 30.99
N ALA A 287 26.09 28.11 31.33
CA ALA A 287 24.95 27.35 30.83
C ALA A 287 24.58 27.71 29.38
N HIS A 288 24.82 28.96 28.97
CA HIS A 288 24.51 29.38 27.61
C HIS A 288 25.55 28.81 26.65
N GLU A 289 26.84 28.80 27.04
CA GLU A 289 27.87 28.25 26.17
C GLU A 289 27.74 26.70 26.06
N GLN A 290 27.06 26.04 27.03
CA GLN A 290 26.74 24.61 26.98
C GLN A 290 25.70 24.35 25.89
N PHE A 291 24.73 25.25 25.77
CA PHE A 291 23.72 25.19 24.75
C PHE A 291 24.36 25.48 23.40
N LYS A 292 25.25 26.48 23.33
CA LYS A 292 25.96 26.82 22.10
C LYS A 292 26.71 25.59 21.50
N ALA A 293 27.05 24.61 22.36
CA ALA A 293 27.74 23.39 21.95
C ALA A 293 26.78 22.33 21.39
N THR A 294 25.49 22.38 21.77
CA THR A 294 24.51 21.43 21.24
C THR A 294 23.75 22.03 20.04
N LEU A 295 24.40 22.91 19.29
CA LEU A 295 23.82 23.50 18.09
C LEU A 295 24.22 22.69 16.85
N PRO A 296 25.47 22.22 16.66
CA PRO A 296 25.73 21.31 15.53
C PRO A 296 25.07 19.94 15.76
N GLU A 297 24.90 19.54 17.04
CA GLU A 297 24.28 18.31 17.51
C GLU A 297 22.79 18.27 17.09
N ALA A 298 22.08 19.39 17.25
CA ALA A 298 20.68 19.49 16.87
C ALA A 298 20.53 19.93 15.40
N ASP A 299 21.52 20.63 14.83
CA ASP A 299 21.49 20.99 13.41
C ASP A 299 21.60 19.71 12.58
N GLY A 300 22.43 18.77 13.02
CA GLY A 300 22.58 17.46 12.38
C GLY A 300 21.28 16.67 12.42
N GLU A 301 20.53 16.83 13.51
CA GLU A 301 19.23 16.21 13.66
C GLU A 301 18.21 16.89 12.74
N ARG A 302 18.29 18.22 12.62
CA ARG A 302 17.42 19.00 11.74
C ARG A 302 17.62 18.57 10.28
N GLN A 303 18.88 18.40 9.84
CA GLN A 303 19.18 17.98 8.46
C GLN A 303 18.64 16.57 8.21
N SER A 304 18.76 15.66 9.21
CA SER A 304 18.30 14.27 9.16
C SER A 304 16.79 14.18 9.02
N ILE A 305 16.07 15.05 9.73
CA ILE A 305 14.60 15.10 9.70
C ILE A 305 14.12 15.64 8.34
N MET A 306 14.86 16.60 7.76
CA MET A 306 14.50 17.13 6.44
C MET A 306 14.86 16.13 5.34
N ALA A 307 15.92 15.32 5.53
CA ALA A 307 16.31 14.28 4.58
C ALA A 307 15.24 13.16 4.48
N ILE A 308 14.30 13.09 5.43
CA ILE A 308 13.23 12.12 5.47
C ILE A 308 12.02 12.67 4.67
N GLN A 309 11.71 13.98 4.75
CA GLN A 309 10.62 14.53 3.92
C GLN A 309 11.09 14.79 2.48
N ASN A 310 12.40 14.89 2.24
CA ASN A 310 12.93 15.00 0.87
C ASN A 310 12.94 13.58 0.19
N GLU A 311 12.94 12.50 0.99
CA GLU A 311 12.89 11.12 0.55
C GLU A 311 11.50 10.78 0.04
N VAL A 312 10.43 11.33 0.66
CA VAL A 312 9.06 11.06 0.21
C VAL A 312 8.75 11.81 -1.11
N GLU A 313 9.41 12.95 -1.38
CA GLU A 313 9.21 13.65 -2.64
C GLU A 313 9.97 12.90 -3.76
N LYS A 314 11.11 12.30 -3.42
CA LYS A 314 11.95 11.47 -4.28
C LYS A 314 11.24 10.17 -4.67
N VAL A 315 10.44 9.61 -3.74
CA VAL A 315 9.69 8.38 -3.98
C VAL A 315 8.58 8.62 -5.00
N ILE A 316 7.78 9.69 -4.82
CA ILE A 316 6.71 9.99 -5.75
C ILE A 316 7.30 10.32 -7.15
N GLN A 317 8.44 11.03 -7.18
CA GLN A 317 9.08 11.38 -8.45
C GLN A 317 9.66 10.17 -9.18
N SER A 318 10.44 9.33 -8.50
CA SER A 318 11.08 8.18 -9.15
C SER A 318 10.07 7.15 -9.64
N TYR A 319 9.05 6.83 -8.84
CA TYR A 319 8.06 5.83 -9.24
C TYR A 319 6.85 6.42 -10.00
N ASN A 320 6.84 7.74 -10.23
CA ASN A 320 5.78 8.48 -10.94
C ASN A 320 4.38 8.07 -10.48
N ILE A 321 4.09 8.31 -9.21
CA ILE A 321 2.79 8.01 -8.60
C ILE A 321 2.28 9.30 -7.93
N ARG A 322 2.10 10.33 -8.75
CA ARG A 322 1.70 11.67 -8.36
C ARG A 322 0.45 11.72 -7.46
N ILE A 323 0.72 11.87 -6.15
CA ILE A 323 -0.24 12.02 -5.05
C ILE A 323 0.32 13.09 -4.04
N SER A 324 -0.49 13.52 -3.05
CA SER A 324 -0.11 14.54 -2.06
C SER A 324 1.04 14.09 -1.13
N SER A 325 2.24 14.70 -1.28
CA SER A 325 3.41 14.38 -0.44
C SER A 325 3.33 14.98 0.97
N SER A 326 2.15 15.41 1.41
CA SER A 326 1.94 16.01 2.71
C SER A 326 1.87 14.97 3.80
N ASN A 327 2.34 15.33 5.00
CA ASN A 327 2.30 14.42 6.15
C ASN A 327 0.97 14.52 6.85
N PRO A 328 0.22 13.42 6.90
CA PRO A 328 -1.06 13.43 7.62
C PRO A 328 -0.91 13.02 9.09
N TYR A 329 0.33 13.00 9.60
CA TYR A 329 0.65 12.65 10.97
C TYR A 329 1.22 13.86 11.71
N SER A 330 2.04 14.69 11.03
CA SER A 330 2.63 15.84 11.73
C SER A 330 2.23 17.19 11.15
N THR A 331 1.86 18.08 12.08
CA THR A 331 1.52 19.47 11.80
C THR A 331 2.78 20.37 11.77
N VAL A 332 3.95 19.78 11.50
CA VAL A 332 5.22 20.48 11.44
C VAL A 332 5.68 20.51 9.98
N THR A 333 5.62 21.69 9.36
CA THR A 333 5.98 21.83 7.95
C THR A 333 7.49 22.05 7.77
N MET A 334 8.00 21.84 6.55
CA MET A 334 9.39 22.07 6.21
C MET A 334 9.76 23.55 6.32
N ASP A 335 8.81 24.45 6.02
CA ASP A 335 9.00 25.90 6.15
C ASP A 335 9.15 26.27 7.60
N GLU A 336 8.37 25.64 8.50
CA GLU A 336 8.46 25.85 9.94
C GLU A 336 9.87 25.51 10.45
N LEU A 337 10.45 24.44 9.94
CA LEU A 337 11.78 23.99 10.34
C LEU A 337 12.93 24.81 9.75
N ARG A 338 12.65 25.62 8.74
CA ARG A 338 13.62 26.45 8.07
C ARG A 338 13.59 27.83 8.72
N THR A 339 12.40 28.42 8.85
CA THR A 339 12.23 29.76 9.41
C THR A 339 12.34 29.78 10.94
N LYS A 340 11.94 28.70 11.62
CA LYS A 340 12.07 28.66 13.09
C LYS A 340 13.55 28.52 13.47
N TRP A 341 14.31 27.72 12.71
CA TRP A 341 15.72 27.56 12.96
C TRP A 341 16.47 28.87 12.73
N ASP A 342 16.10 29.62 11.70
CA ASP A 342 16.73 30.90 11.41
C ASP A 342 16.50 31.92 12.53
N LYS A 343 15.34 31.85 13.18
CA LYS A 343 15.01 32.73 14.29
C LYS A 343 15.84 32.35 15.53
N VAL A 344 16.10 31.03 15.73
CA VAL A 344 16.89 30.54 16.86
C VAL A 344 18.37 30.93 16.66
N LYS A 345 18.89 30.80 15.45
CA LYS A 345 20.27 31.20 15.16
C LYS A 345 20.44 32.73 15.25
N GLN A 346 19.37 33.49 14.93
CA GLN A 346 19.34 34.96 15.01
C GLN A 346 19.36 35.45 16.47
N LEU A 347 18.79 34.67 17.39
CA LEU A 347 18.72 35.04 18.80
C LEU A 347 20.00 34.75 19.57
N VAL A 348 20.84 33.83 19.09
CA VAL A 348 22.08 33.49 19.78
C VAL A 348 23.02 34.74 19.90
N PRO A 349 23.30 35.54 18.84
CA PRO A 349 24.15 36.74 19.04
C PRO A 349 23.50 37.82 19.90
N ILE A 350 22.16 37.82 19.98
CA ILE A 350 21.39 38.72 20.83
C ILE A 350 21.63 38.35 22.29
N ARG A 351 21.57 37.04 22.59
CA ARG A 351 21.79 36.55 23.94
C ARG A 351 23.27 36.70 24.33
N ASP A 352 24.19 36.51 23.37
CA ASP A 352 25.62 36.69 23.61
C ASP A 352 25.92 38.17 23.89
N GLN A 353 25.29 39.08 23.12
CA GLN A 353 25.45 40.52 23.26
C GLN A 353 24.90 41.01 24.59
N SER A 354 23.70 40.56 24.98
CA SER A 354 23.07 40.97 26.23
C SER A 354 23.71 40.33 27.46
N LEU A 355 24.36 39.16 27.31
CA LEU A 355 25.03 38.51 28.43
C LEU A 355 26.34 39.23 28.73
N GLN A 356 27.10 39.56 27.68
CA GLN A 356 28.40 40.23 27.78
C GLN A 356 28.27 41.69 28.24
N GLU A 357 27.18 42.36 27.87
CA GLU A 357 26.94 43.72 28.32
C GLU A 357 26.65 43.71 29.84
N GLU A 358 25.99 42.65 30.36
CA GLU A 358 25.76 42.54 31.80
C GLU A 358 27.06 42.11 32.48
N LEU A 359 27.93 41.30 31.82
CA LEU A 359 29.24 40.95 32.37
C LEU A 359 30.08 42.23 32.57
N ALA A 360 30.03 43.13 31.58
CA ALA A 360 30.75 44.39 31.64
C ALA A 360 30.26 45.24 32.82
N ARG A 361 28.95 45.21 33.08
CA ARG A 361 28.33 45.92 34.20
C ARG A 361 28.85 45.35 35.52
N GLN A 362 28.79 44.02 35.71
CA GLN A 362 29.25 43.39 36.95
C GLN A 362 30.71 43.62 37.24
N HIS A 363 31.53 43.71 36.18
CA HIS A 363 32.95 43.99 36.28
C HIS A 363 33.21 45.44 36.71
N ALA A 364 32.43 46.37 36.16
CA ALA A 364 32.51 47.78 36.50
C ALA A 364 32.03 48.01 37.93
N ASN A 365 31.00 47.27 38.38
CA ASN A 365 30.47 47.37 39.72
C ASN A 365 31.49 46.85 40.72
N GLU A 366 32.21 45.75 40.38
CA GLU A 366 33.24 45.21 41.27
C GLU A 366 34.49 46.10 41.25
N ARG A 367 34.76 46.79 40.14
CA ARG A 367 35.87 47.73 40.05
C ARG A 367 35.66 48.87 41.05
N LEU A 368 34.40 49.35 41.18
CA LEU A 368 34.03 50.42 42.10
C LEU A 368 34.07 49.96 43.56
N ARG A 369 33.67 48.71 43.82
CA ARG A 369 33.71 48.12 45.15
C ARG A 369 35.14 48.03 45.66
N ARG A 370 36.07 47.66 44.76
CA ARG A 370 37.48 47.50 45.09
C ARG A 370 38.18 48.81 45.38
N GLN A 371 37.86 49.89 44.64
CA GLN A 371 38.51 51.18 44.88
C GLN A 371 37.90 51.92 46.12
N PHE A 372 36.66 51.60 46.49
CA PHE A 372 36.02 52.19 47.66
C PHE A 372 36.63 51.58 48.93
N ALA A 373 36.79 50.25 48.93
CA ALA A 373 37.36 49.50 50.05
C ALA A 373 38.83 49.85 50.30
N ALA A 374 39.57 50.21 49.25
CA ALA A 374 40.98 50.58 49.38
C ALA A 374 41.14 51.87 50.17
N GLN A 375 40.20 52.81 49.99
CA GLN A 375 40.19 54.10 50.68
C GLN A 375 39.54 53.98 52.06
N ALA A 376 38.44 53.24 52.17
CA ALA A 376 37.73 53.08 53.44
C ALA A 376 38.61 52.34 54.46
N ASN A 377 39.30 51.29 54.02
CA ASN A 377 40.20 50.54 54.89
C ASN A 377 41.57 51.27 55.04
N ALA A 378 41.56 52.61 54.96
CA ALA A 378 42.76 53.44 55.10
C ALA A 378 42.42 54.78 55.78
N ILE A 379 41.24 55.31 55.48
CA ILE A 379 40.68 56.53 56.04
C ILE A 379 40.08 56.18 57.40
N GLY A 380 39.28 55.12 57.45
CA GLY A 380 38.69 54.61 58.70
C GLY A 380 39.70 54.40 59.81
N PRO A 381 40.75 53.62 59.52
CA PRO A 381 41.82 53.41 60.52
C PRO A 381 42.70 54.65 60.74
N TRP A 382 42.77 55.58 59.78
CA TRP A 382 43.54 56.82 59.98
C TRP A 382 42.82 57.73 60.98
N ILE A 383 41.49 57.78 60.90
CA ILE A 383 40.70 58.62 61.79
C ILE A 383 40.69 58.02 63.19
N GLN A 384 40.55 56.70 63.30
CA GLN A 384 40.59 56.03 64.60
C GLN A 384 41.97 56.24 65.28
N ASN A 385 43.06 56.40 64.49
CA ASN A 385 44.40 56.63 65.04
C ASN A 385 44.63 58.13 65.30
N LYS A 386 43.93 59.02 64.59
CA LYS A 386 44.05 60.47 64.83
C LYS A 386 43.24 60.87 66.09
N MET A 387 42.12 60.16 66.36
CA MET A 387 41.31 60.38 67.55
C MET A 387 42.07 59.93 68.79
N GLU A 388 42.77 58.79 68.70
CA GLU A 388 43.56 58.26 69.81
C GLU A 388 44.80 59.11 70.09
N GLU A 389 45.32 59.80 69.07
CA GLU A 389 46.46 60.70 69.26
C GLU A 389 45.99 61.93 70.05
N ILE A 390 44.81 62.47 69.69
CA ILE A 390 44.24 63.64 70.36
C ILE A 390 43.82 63.25 71.79
N ALA A 391 43.28 62.04 72.00
CA ALA A 391 42.86 61.60 73.33
C ALA A 391 44.05 61.53 74.28
N ARG A 392 45.19 61.07 73.79
CA ARG A 392 46.41 60.99 74.57
C ARG A 392 47.03 62.38 74.75
N SER A 393 46.92 63.25 73.74
CA SER A 393 47.48 64.59 73.81
C SER A 393 46.59 65.60 74.57
N SER A 394 45.34 65.24 74.92
CA SER A 394 44.45 66.16 75.64
C SER A 394 44.48 65.94 77.17
N ILE A 395 45.18 64.90 77.65
CA ILE A 395 45.24 64.63 79.08
C ILE A 395 46.68 64.72 79.57
N GLN A 396 46.84 65.18 80.83
CA GLN A 396 48.07 65.36 81.62
C GLN A 396 49.27 65.95 80.77
N ILE A 397 50.30 65.14 80.39
CA ILE A 397 51.54 65.54 79.68
C ILE A 397 52.23 66.70 80.51
N THR A 398 53.13 67.52 79.93
CA THR A 398 53.76 68.66 80.58
C THR A 398 52.67 69.65 81.00
N GLY A 399 52.73 70.13 82.23
CA GLY A 399 51.76 71.09 82.74
C GLY A 399 51.60 72.33 81.87
N ALA A 400 52.58 72.58 80.99
CA ALA A 400 52.57 73.68 80.06
C ALA A 400 51.58 73.39 78.95
N LEU A 401 50.53 74.22 78.89
CA LEU A 401 49.45 74.15 77.91
C LEU A 401 49.94 74.47 76.50
N GLU A 402 50.95 75.37 76.38
CA GLU A 402 51.54 75.83 75.12
C GLU A 402 52.25 74.68 74.35
N ASP A 403 52.77 73.69 75.08
CA ASP A 403 53.42 72.55 74.46
C ASP A 403 52.36 71.57 73.85
N GLN A 404 51.17 71.49 74.49
CA GLN A 404 49.99 70.73 74.02
C GLN A 404 49.22 71.51 72.95
N MET A 405 49.31 72.84 72.97
CA MET A 405 48.71 73.72 72.00
C MET A 405 49.50 73.66 70.67
N ASN A 406 50.80 73.36 70.72
CA ASN A 406 51.62 73.16 69.54
C ASN A 406 51.16 71.87 68.83
N GLN A 407 51.03 70.75 69.59
CA GLN A 407 50.62 69.45 69.07
C GLN A 407 49.20 69.47 68.54
N LEU A 408 48.28 70.20 69.19
CA LEU A 408 46.88 70.33 68.78
C LEU A 408 46.74 71.07 67.45
N LYS A 409 47.50 72.16 67.28
CA LYS A 409 47.48 72.90 66.02
C LYS A 409 48.26 72.12 64.91
N GLN A 410 49.13 71.16 65.29
CA GLN A 410 49.87 70.29 64.36
C GLN A 410 48.93 69.23 63.84
N TYR A 411 48.15 68.57 64.73
CA TYR A 411 47.12 67.59 64.36
C TYR A 411 46.08 68.19 63.46
N GLU A 412 45.75 69.47 63.71
CA GLU A 412 44.83 70.26 62.92
C GLU A 412 45.32 70.34 61.48
N HIS A 413 46.62 70.63 61.27
CA HIS A 413 47.17 70.69 59.94
C HIS A 413 47.10 69.34 59.25
N ASN A 414 47.37 68.26 59.99
CA ASN A 414 47.30 66.88 59.50
C ASN A 414 45.90 66.54 58.98
N ILE A 415 44.88 67.09 59.64
CA ILE A 415 43.49 66.87 59.28
C ILE A 415 43.12 67.69 58.02
N ILE A 416 43.55 68.97 57.94
CA ILE A 416 43.29 69.84 56.78
C ILE A 416 43.83 69.20 55.49
N ASN A 417 45.05 68.64 55.56
CA ASN A 417 45.74 67.97 54.44
C ASN A 417 45.03 66.66 54.00
N TYR A 418 44.21 66.09 54.88
CA TYR A 418 43.47 64.85 54.67
C TYR A 418 42.04 65.08 54.14
N LYS A 419 41.53 66.31 54.17
CA LYS A 419 40.17 66.66 53.73
C LYS A 419 39.88 66.23 52.27
N ASN A 420 40.86 66.41 51.37
CA ASN A 420 40.72 66.03 49.97
C ASN A 420 40.53 64.52 49.84
N ASN A 421 41.29 63.74 50.62
CA ASN A 421 41.20 62.29 50.61
C ASN A 421 39.82 61.77 51.05
N ILE A 422 39.08 62.57 51.80
CA ILE A 422 37.73 62.21 52.23
C ILE A 422 36.75 62.48 51.12
N ASP A 423 36.90 63.62 50.45
CA ASP A 423 36.08 64.03 49.32
C ASP A 423 36.14 62.97 48.19
N LYS A 424 37.29 62.26 48.05
CA LYS A 424 37.47 61.19 47.07
C LYS A 424 36.45 60.10 47.29
N LEU A 425 36.27 59.70 48.56
CA LEU A 425 35.35 58.65 48.95
C LEU A 425 33.91 59.03 48.70
N GLU A 426 33.56 60.31 48.87
CA GLU A 426 32.20 60.77 48.61
C GLU A 426 31.82 60.61 47.15
N GLY A 427 32.78 60.82 46.25
CA GLY A 427 32.57 60.63 44.83
C GLY A 427 32.36 59.18 44.47
N ASP A 428 33.30 58.30 44.89
CA ASP A 428 33.25 56.85 44.66
C ASP A 428 32.07 56.18 45.35
N HIS A 429 31.58 56.75 46.45
CA HIS A 429 30.40 56.23 47.14
C HIS A 429 29.18 56.56 46.29
N GLN A 430 29.09 57.82 45.80
CA GLN A 430 28.00 58.27 44.93
C GLN A 430 27.91 57.40 43.69
N LEU A 431 29.06 57.03 43.12
CA LEU A 431 29.17 56.20 41.91
C LEU A 431 28.75 54.76 42.11
N ILE A 432 28.94 54.24 43.33
CA ILE A 432 28.60 52.87 43.66
C ILE A 432 27.07 52.76 43.75
N GLN A 433 26.44 53.71 44.43
CA GLN A 433 24.99 53.73 44.56
C GLN A 433 24.34 54.20 43.26
N GLU A 434 25.04 55.01 42.44
CA GLU A 434 24.54 55.41 41.13
C GLU A 434 24.49 54.19 40.21
N ALA A 435 25.45 53.24 40.36
CA ALA A 435 25.48 51.97 39.60
C ALA A 435 24.54 50.89 40.20
N LEU A 436 23.90 51.18 41.37
CA LEU A 436 22.96 50.37 42.14
C LEU A 436 23.64 49.16 42.79
N VAL A 437 24.71 49.45 43.53
CA VAL A 437 25.47 48.48 44.32
C VAL A 437 25.48 48.98 45.76
N PHE A 438 25.39 48.03 46.70
CA PHE A 438 25.29 48.25 48.16
C PHE A 438 25.97 47.10 48.97
N ASP A 439 26.41 46.05 48.27
CA ASP A 439 27.00 44.86 48.82
C ASP A 439 28.52 44.84 48.66
N ASN A 440 29.27 45.52 49.57
CA ASN A 440 30.73 45.48 49.49
C ASN A 440 31.31 44.58 50.60
N LYS A 441 31.87 43.46 50.16
CA LYS A 441 32.44 42.38 50.96
C LYS A 441 33.88 42.64 51.39
N HIS A 442 34.60 43.50 50.67
CA HIS A 442 36.01 43.77 50.91
C HIS A 442 36.26 44.71 52.10
N THR A 443 35.30 45.59 52.38
CA THR A 443 35.44 46.52 53.49
C THR A 443 34.32 46.32 54.50
N ASN A 444 34.59 46.74 55.74
CA ASN A 444 33.60 46.69 56.81
C ASN A 444 32.90 48.05 56.98
N TYR A 445 33.52 49.15 56.51
CA TYR A 445 33.00 50.50 56.67
C TYR A 445 32.17 51.01 55.52
N THR A 446 31.07 51.70 55.84
CA THR A 446 30.22 52.40 54.86
C THR A 446 30.56 53.89 54.92
N MET A 447 30.08 54.70 53.93
CA MET A 447 30.34 56.15 53.94
C MET A 447 29.91 56.81 55.24
N GLU A 448 28.78 56.37 55.79
CA GLU A 448 28.25 56.88 57.05
C GLU A 448 29.20 56.63 58.23
N HIS A 449 29.88 55.48 58.26
CA HIS A 449 30.83 55.18 59.34
C HIS A 449 32.07 56.06 59.26
N ILE A 450 32.44 56.51 58.05
CA ILE A 450 33.55 57.42 57.83
C ILE A 450 33.06 58.85 58.12
N ARG A 451 31.84 59.18 57.64
CA ARG A 451 31.13 60.45 57.83
C ARG A 451 31.10 60.84 59.32
N VAL A 452 30.66 59.90 60.19
CA VAL A 452 30.58 60.15 61.63
C VAL A 452 31.97 60.27 62.27
N GLY A 453 32.95 59.55 61.73
CA GLY A 453 34.31 59.59 62.23
C GLY A 453 34.97 60.91 61.95
N TRP A 454 34.71 61.47 60.76
CA TRP A 454 35.24 62.76 60.36
C TRP A 454 34.50 63.86 61.09
N GLU A 455 33.15 63.76 61.19
CA GLU A 455 32.31 64.73 61.90
C GLU A 455 32.65 64.78 63.40
N LEU A 456 33.07 63.65 63.96
CA LEU A 456 33.53 63.55 65.34
C LEU A 456 34.92 64.17 65.45
N LEU A 457 35.80 63.87 64.46
CA LEU A 457 37.18 64.36 64.40
C LEU A 457 37.30 65.89 64.37
N LEU A 458 36.41 66.58 63.66
CA LEU A 458 36.45 68.05 63.60
C LEU A 458 35.80 68.70 64.81
N THR A 459 34.73 68.07 65.31
CA THR A 459 34.02 68.51 66.50
C THR A 459 34.95 68.40 67.72
N THR A 460 35.73 67.33 67.80
CA THR A 460 36.63 67.09 68.92
C THR A 460 38.03 67.69 68.75
N ILE A 461 38.35 68.31 67.59
CA ILE A 461 39.63 69.02 67.50
C ILE A 461 39.39 70.44 68.02
N ALA A 462 38.32 71.10 67.52
CA ALA A 462 37.92 72.44 67.94
C ALA A 462 37.53 72.47 69.42
N ARG A 463 36.99 71.35 69.93
CA ARG A 463 36.61 71.21 71.32
C ARG A 463 37.87 71.26 72.16
N THR A 464 38.83 70.36 71.92
CA THR A 464 40.05 70.30 72.71
C THR A 464 40.98 71.50 72.46
N ILE A 465 40.86 72.17 71.30
CA ILE A 465 41.64 73.37 71.00
C ILE A 465 41.06 74.52 71.87
N ASN A 466 39.73 74.68 71.86
CA ASN A 466 39.05 75.71 72.66
C ASN A 466 39.21 75.46 74.16
N GLU A 467 39.27 74.20 74.56
CA GLU A 467 39.47 73.84 75.95
C GLU A 467 40.90 74.20 76.38
N VAL A 468 41.90 74.07 75.48
CA VAL A 468 43.27 74.44 75.82
C VAL A 468 43.39 75.98 75.80
N GLU A 469 42.65 76.68 74.92
CA GLU A 469 42.60 78.15 74.82
C GLU A 469 41.97 78.81 76.07
N THR A 470 40.95 78.17 76.66
CA THR A 470 40.34 78.67 77.90
C THR A 470 41.26 78.38 79.08
N GLN A 471 41.98 77.24 79.05
CA GLN A 471 42.94 76.85 80.09
C GLN A 471 44.23 77.69 80.03
N ILE A 472 44.54 78.29 78.88
CA ILE A 472 45.71 79.16 78.75
C ILE A 472 45.38 80.55 79.35
N LEU A 473 44.13 81.04 79.11
CA LEU A 473 43.62 82.34 79.59
C LEU A 473 43.28 82.31 81.09
N THR A 474 42.60 81.26 81.57
CA THR A 474 42.27 81.14 83.00
C THR A 474 43.49 80.66 83.82
N ARG A 475 44.69 81.04 83.39
CA ARG A 475 45.95 80.76 84.03
C ARG A 475 46.92 81.85 83.62
N ASP A 476 47.18 82.81 84.53
CA ASP A 476 48.03 83.97 84.27
C ASP A 476 49.29 83.98 85.18
N TYR B 128 -17.84 -45.07 -24.87
CA TYR B 128 -18.26 -43.67 -24.83
C TYR B 128 -17.92 -43.06 -23.45
N LYS B 129 -17.27 -41.88 -23.44
CA LYS B 129 -16.84 -41.17 -22.22
C LYS B 129 -18.01 -40.55 -21.44
N SER B 130 -17.83 -40.31 -20.14
CA SER B 130 -18.88 -39.73 -19.31
C SER B 130 -18.57 -38.26 -18.99
N PHE B 131 -19.38 -37.33 -19.48
CA PHE B 131 -19.19 -35.90 -19.20
C PHE B 131 -19.96 -35.38 -17.99
N ASN B 132 -20.96 -36.16 -17.54
CA ASN B 132 -21.90 -35.93 -16.45
C ASN B 132 -21.18 -35.56 -15.15
N ARG B 133 -21.61 -34.44 -14.54
CA ARG B 133 -21.03 -33.90 -13.31
C ARG B 133 -21.95 -34.01 -12.09
N THR B 134 -21.32 -34.10 -10.92
CA THR B 134 -22.00 -34.18 -9.64
C THR B 134 -21.62 -32.98 -8.77
N ALA B 135 -22.60 -32.44 -8.02
CA ALA B 135 -22.39 -31.28 -7.15
C ALA B 135 -21.35 -31.61 -6.06
N MET B 136 -20.40 -30.69 -5.83
CA MET B 136 -19.35 -30.92 -4.84
C MET B 136 -19.87 -30.73 -3.42
N PRO B 137 -19.83 -31.80 -2.60
CA PRO B 137 -20.27 -31.67 -1.21
C PRO B 137 -19.34 -30.75 -0.42
N TYR B 138 -19.89 -29.95 0.49
CA TYR B 138 -19.13 -29.00 1.30
C TYR B 138 -18.10 -29.72 2.19
#